data_6CHL
#
_entry.id   6CHL
#
_cell.length_a   134.837
_cell.length_b   134.837
_cell.length_c   134.837
_cell.angle_alpha   90.000
_cell.angle_beta   90.000
_cell.angle_gamma   90.000
#
_symmetry.space_group_name_H-M   'I 2 3'
#
loop_
_entity.id
_entity.type
_entity.pdbx_description
1 polymer 'Phosphopantetheine adenylyltransferase'
2 non-polymer (3R)-3-(3-chlorophenyl)-3-[(5-methyl-7-oxo-6,7-dihydro[1,2,4]triazolo[1,5-a]pyrimidin-2-yl)amino]propanenitrile
3 non-polymer 'SULFATE ION'
4 non-polymer 'DIMETHYL SULFOXIDE'
5 water water
#
_entity_poly.entity_id   1
_entity_poly.type   'polypeptide(L)'
_entity_poly.pdbx_seq_one_letter_code
;MQKRAIYPGTFDPITNGHIDIVTRATQMFDHVILAIAASPSKKPMFTLEERVALAQQATAHLGNVEVVGFSDLMANFARN
QHATVLIRGLRAVADFEYEMQLAHMNRHLMPELESVFLMPSKEWSFISSSLVKEVARHQGDVTHFLPENVHQALMAKLAV
D
;
_entity_poly.pdbx_strand_id   A,B
#
# COMPACT_ATOMS: atom_id res chain seq x y z
N GLN A 2 -14.06 11.83 -5.64
CA GLN A 2 -12.98 12.78 -5.92
C GLN A 2 -11.81 12.65 -4.89
N LYS A 3 -11.12 11.50 -4.93
CA LYS A 3 -10.00 11.23 -4.03
C LYS A 3 -8.69 11.89 -4.49
N ARG A 4 -8.05 12.60 -3.56
CA ARG A 4 -6.79 13.29 -3.78
C ARG A 4 -5.72 12.61 -2.96
N ALA A 5 -4.61 12.30 -3.61
CA ALA A 5 -3.49 11.62 -3.00
C ALA A 5 -2.25 12.47 -3.12
N ILE A 6 -1.39 12.44 -2.08
CA ILE A 6 -0.07 13.09 -2.12
C ILE A 6 0.97 11.98 -2.20
N TYR A 7 2.04 12.22 -2.94
CA TYR A 7 3.17 11.32 -3.08
C TYR A 7 4.43 12.15 -2.69
N PRO A 8 4.78 12.18 -1.38
CA PRO A 8 5.92 13.02 -0.94
C PRO A 8 7.27 12.35 -1.06
N GLY A 9 8.31 13.17 -1.12
CA GLY A 9 9.69 12.71 -1.20
C GLY A 9 10.65 13.85 -1.46
N THR A 10 11.94 13.54 -1.49
CA THR A 10 12.98 14.51 -1.78
C THR A 10 13.14 14.58 -3.31
N PHE A 11 12.91 13.45 -4.02
CA PHE A 11 13.01 13.33 -5.49
C PHE A 11 14.27 14.04 -5.97
N ASP A 12 15.43 13.61 -5.42
CA ASP A 12 16.74 14.20 -5.63
C ASP A 12 17.78 13.25 -6.31
N PRO A 13 17.70 12.99 -7.62
CA PRO A 13 16.65 13.44 -8.57
C PRO A 13 15.52 12.40 -8.67
N ILE A 14 14.45 12.75 -9.40
CA ILE A 14 13.34 11.82 -9.64
C ILE A 14 13.90 10.67 -10.53
N THR A 15 13.56 9.41 -10.18
CA THR A 15 14.05 8.23 -10.93
C THR A 15 12.89 7.53 -11.65
N ASN A 16 13.20 6.48 -12.42
CA ASN A 16 12.17 5.67 -13.10
C ASN A 16 11.31 4.93 -12.08
N GLY A 17 11.87 4.63 -10.90
CA GLY A 17 11.13 4.00 -9.80
C GLY A 17 10.03 4.92 -9.30
N HIS A 18 10.34 6.24 -9.15
CA HIS A 18 9.39 7.27 -8.73
C HIS A 18 8.31 7.47 -9.82
N ILE A 19 8.71 7.44 -11.11
CA ILE A 19 7.78 7.55 -12.23
C ILE A 19 6.83 6.37 -12.23
N ASP A 20 7.38 5.15 -12.02
CA ASP A 20 6.57 3.95 -11.95
C ASP A 20 5.49 4.11 -10.84
N ILE A 21 5.89 4.51 -9.62
CA ILE A 21 4.99 4.69 -8.48
C ILE A 21 3.88 5.70 -8.76
N VAL A 22 4.25 6.94 -9.19
CA VAL A 22 3.30 8.01 -9.45
C VAL A 22 2.31 7.63 -10.58
N THR A 23 2.76 6.83 -11.58
CA THR A 23 1.89 6.37 -12.68
C THR A 23 0.82 5.42 -12.15
N ARG A 24 1.21 4.48 -11.24
CA ARG A 24 0.29 3.53 -10.62
C ARG A 24 -0.73 4.31 -9.78
N ALA A 25 -0.27 5.35 -9.04
CA ALA A 25 -1.13 6.20 -8.22
C ALA A 25 -2.20 6.92 -9.06
N THR A 26 -1.84 7.43 -10.26
CA THR A 26 -2.80 8.14 -11.14
C THR A 26 -3.90 7.22 -11.71
N GLN A 27 -3.61 5.93 -11.80
CA GLN A 27 -4.56 4.94 -12.30
C GLN A 27 -5.59 4.57 -11.23
N MET A 28 -5.30 4.94 -9.96
CA MET A 28 -6.13 4.65 -8.79
C MET A 28 -6.89 5.82 -8.21
N PHE A 29 -6.29 7.00 -8.23
CA PHE A 29 -6.85 8.20 -7.63
C PHE A 29 -7.04 9.27 -8.68
N ASP A 30 -8.06 10.11 -8.47
CA ASP A 30 -8.46 11.18 -9.39
C ASP A 30 -7.41 12.26 -9.55
N HIS A 31 -6.75 12.65 -8.44
CA HIS A 31 -5.75 13.71 -8.42
C HIS A 31 -4.57 13.31 -7.57
N VAL A 32 -3.36 13.38 -8.14
CA VAL A 32 -2.13 13.02 -7.45
C VAL A 32 -1.22 14.25 -7.37
N ILE A 33 -0.79 14.58 -6.16
CA ILE A 33 0.14 15.67 -5.95
C ILE A 33 1.50 15.06 -5.69
N LEU A 34 2.47 15.27 -6.61
CA LEU A 34 3.83 14.79 -6.40
C LEU A 34 4.46 15.92 -5.61
N ALA A 35 4.72 15.65 -4.31
CA ALA A 35 5.16 16.65 -3.36
C ALA A 35 6.64 16.56 -3.09
N ILE A 36 7.38 17.63 -3.43
CA ILE A 36 8.84 17.66 -3.29
C ILE A 36 9.23 18.44 -2.04
N ALA A 37 10.02 17.78 -1.18
CA ALA A 37 10.55 18.34 0.07
C ALA A 37 11.52 19.48 -0.24
N ALA A 38 11.18 20.69 0.22
CA ALA A 38 11.96 21.91 -0.01
C ALA A 38 13.30 21.91 0.70
N SER A 39 13.29 21.60 2.00
CA SER A 39 14.49 21.67 2.82
C SER A 39 14.78 20.38 3.57
N PRO A 40 15.30 19.33 2.88
CA PRO A 40 15.66 18.08 3.62
C PRO A 40 16.83 18.26 4.60
N SER A 41 16.99 17.29 5.53
CA SER A 41 18.06 17.26 6.54
C SER A 41 19.43 17.34 5.87
N LYS A 42 19.68 16.45 4.88
CA LYS A 42 20.92 16.46 4.11
C LYS A 42 20.69 17.36 2.91
N LYS A 43 21.66 18.26 2.63
CA LYS A 43 21.61 19.19 1.49
C LYS A 43 21.44 18.37 0.18
N PRO A 44 20.44 18.71 -0.66
CA PRO A 44 20.23 17.90 -1.87
C PRO A 44 21.23 18.24 -2.98
N MET A 45 21.41 17.32 -3.95
CA MET A 45 22.29 17.55 -5.09
C MET A 45 21.67 18.63 -5.98
N PHE A 46 20.35 18.56 -6.19
CA PHE A 46 19.62 19.51 -7.00
C PHE A 46 18.80 20.43 -6.13
N THR A 47 18.71 21.71 -6.53
CA THR A 47 17.91 22.70 -5.82
C THR A 47 16.44 22.31 -5.96
N LEU A 48 15.57 22.88 -5.12
CA LEU A 48 14.14 22.62 -5.19
C LEU A 48 13.57 22.98 -6.57
N GLU A 49 14.00 24.12 -7.17
CA GLU A 49 13.54 24.54 -8.51
C GLU A 49 13.92 23.53 -9.59
N GLU A 50 15.15 23.01 -9.54
CA GLU A 50 15.65 22.00 -10.48
C GLU A 50 14.83 20.72 -10.30
N ARG A 51 14.62 20.28 -9.04
CA ARG A 51 13.84 19.06 -8.72
C ARG A 51 12.39 19.16 -9.16
N VAL A 52 11.76 20.34 -8.99
CA VAL A 52 10.38 20.62 -9.42
C VAL A 52 10.31 20.59 -10.96
N ALA A 53 11.21 21.34 -11.64
CA ALA A 53 11.26 21.41 -13.10
C ALA A 53 11.46 20.01 -13.71
N LEU A 54 12.40 19.21 -13.18
CA LEU A 54 12.66 17.84 -13.65
C LEU A 54 11.46 16.90 -13.49
N ALA A 55 10.79 16.94 -12.32
CA ALA A 55 9.60 16.11 -12.04
C ALA A 55 8.43 16.53 -12.90
N GLN A 56 8.29 17.83 -13.16
CA GLN A 56 7.23 18.38 -14.03
C GLN A 56 7.40 17.85 -15.44
N GLN A 57 8.62 17.94 -16.02
CA GLN A 57 8.92 17.45 -17.36
C GLN A 57 8.70 15.94 -17.44
N ALA A 58 9.17 15.18 -16.43
CA ALA A 58 9.05 13.73 -16.43
C ALA A 58 7.60 13.20 -16.22
N THR A 59 6.68 14.03 -15.69
CA THR A 59 5.29 13.60 -15.45
C THR A 59 4.26 14.33 -16.33
N ALA A 60 4.72 15.23 -17.21
CA ALA A 60 3.87 16.03 -18.12
C ALA A 60 2.84 15.18 -18.88
N HIS A 61 3.22 13.96 -19.30
CA HIS A 61 2.34 13.02 -20.03
C HIS A 61 1.20 12.45 -19.17
N LEU A 62 1.26 12.65 -17.84
CA LEU A 62 0.24 12.22 -16.88
C LEU A 62 -0.59 13.44 -16.50
N GLY A 63 -1.76 13.51 -17.08
CA GLY A 63 -2.68 14.64 -16.92
C GLY A 63 -3.15 14.99 -15.53
N ASN A 64 -3.20 14.01 -14.61
CA ASN A 64 -3.71 14.27 -13.25
C ASN A 64 -2.62 14.29 -12.17
N VAL A 65 -1.42 14.74 -12.55
CA VAL A 65 -0.30 14.92 -11.63
C VAL A 65 -0.01 16.42 -11.52
N GLU A 66 0.15 16.89 -10.31
CA GLU A 66 0.53 18.26 -10.02
C GLU A 66 1.84 18.16 -9.23
N VAL A 67 2.89 18.84 -9.67
CA VAL A 67 4.18 18.84 -8.98
C VAL A 67 4.26 20.12 -8.13
N VAL A 68 4.46 19.96 -6.79
CA VAL A 68 4.46 21.09 -5.83
C VAL A 68 5.56 20.89 -4.78
N GLY A 69 6.21 21.98 -4.39
CA GLY A 69 7.21 21.94 -3.33
C GLY A 69 6.56 22.17 -1.96
N PHE A 70 7.15 21.63 -0.89
CA PHE A 70 6.63 21.86 0.47
C PHE A 70 7.75 21.81 1.50
N SER A 71 7.57 22.53 2.61
CA SER A 71 8.58 22.57 3.67
C SER A 71 7.98 22.19 5.01
N ASP A 72 6.67 21.89 5.06
CA ASP A 72 6.07 21.53 6.34
C ASP A 72 5.96 20.02 6.51
N LEU A 73 5.28 19.56 7.60
CA LEU A 73 5.04 18.14 7.82
C LEU A 73 4.20 17.66 6.68
N MET A 74 4.52 16.46 6.18
CA MET A 74 3.78 15.87 5.08
C MET A 74 2.28 15.66 5.41
N ALA A 75 1.94 15.40 6.70
CA ALA A 75 0.55 15.28 7.16
C ALA A 75 -0.15 16.64 7.08
N ASN A 76 0.55 17.74 7.45
CA ASN A 76 -0.01 19.10 7.36
C ASN A 76 -0.23 19.47 5.91
N PHE A 77 0.73 19.14 5.05
CA PHE A 77 0.66 19.39 3.63
C PHE A 77 -0.53 18.65 3.02
N ALA A 78 -0.74 17.36 3.39
CA ALA A 78 -1.87 16.55 2.92
C ALA A 78 -3.22 17.17 3.35
N ARG A 79 -3.30 17.64 4.60
CA ARG A 79 -4.49 18.29 5.13
C ARG A 79 -4.80 19.59 4.35
N ASN A 80 -3.77 20.38 4.04
CA ASN A 80 -3.93 21.63 3.27
C ASN A 80 -4.26 21.40 1.80
N GLN A 81 -3.87 20.24 1.24
CA GLN A 81 -4.13 19.88 -0.14
C GLN A 81 -5.47 19.16 -0.29
N HIS A 82 -6.20 18.97 0.85
CA HIS A 82 -7.47 18.22 0.94
C HIS A 82 -7.26 16.76 0.46
N ALA A 83 -6.08 16.20 0.78
CA ALA A 83 -5.73 14.83 0.41
C ALA A 83 -5.97 13.89 1.61
N THR A 84 -6.58 12.75 1.33
CA THR A 84 -6.89 11.75 2.35
C THR A 84 -6.04 10.50 2.14
N VAL A 85 -5.17 10.55 1.13
CA VAL A 85 -4.29 9.41 0.82
C VAL A 85 -2.85 9.89 0.74
N LEU A 86 -1.93 9.15 1.41
CA LEU A 86 -0.50 9.42 1.35
C LEU A 86 0.19 8.17 0.70
N ILE A 87 0.77 8.35 -0.48
CA ILE A 87 1.43 7.28 -1.24
C ILE A 87 2.87 7.14 -0.79
N ARG A 88 3.27 5.89 -0.54
CA ARG A 88 4.65 5.50 -0.25
C ARG A 88 4.98 4.33 -1.16
N GLY A 89 6.12 4.38 -1.83
CA GLY A 89 6.58 3.26 -2.63
C GLY A 89 7.28 2.25 -1.73
N LEU A 90 7.09 0.96 -1.97
CA LEU A 90 7.72 -0.11 -1.21
C LEU A 90 8.56 -0.95 -2.14
N ARG A 91 9.84 -0.66 -2.23
CA ARG A 91 10.74 -1.45 -3.07
C ARG A 91 11.11 -2.70 -2.28
N ALA A 92 11.74 -3.69 -2.92
CA ALA A 92 12.17 -4.91 -2.23
C ALA A 92 13.20 -4.58 -1.13
N VAL A 93 13.91 -3.46 -1.31
CA VAL A 93 15.00 -2.99 -0.47
C VAL A 93 14.58 -1.83 0.47
N ALA A 94 13.25 -1.58 0.60
CA ALA A 94 12.72 -0.54 1.50
C ALA A 94 13.00 -0.85 2.99
N ASP A 95 13.13 0.20 3.81
CA ASP A 95 13.32 0.02 5.25
C ASP A 95 11.89 -0.02 5.80
N PHE A 96 11.32 -1.24 5.89
CA PHE A 96 9.94 -1.45 6.31
C PHE A 96 9.66 -0.94 7.73
N GLU A 97 10.63 -1.09 8.63
CA GLU A 97 10.56 -0.64 10.01
C GLU A 97 10.36 0.86 10.03
N TYR A 98 11.05 1.59 9.14
CA TYR A 98 10.93 3.03 9.08
C TYR A 98 9.55 3.44 8.53
N GLU A 99 9.05 2.69 7.51
CA GLU A 99 7.74 2.91 6.90
C GLU A 99 6.61 2.77 7.93
N MET A 100 6.72 1.82 8.85
CA MET A 100 5.77 1.59 9.94
C MET A 100 5.77 2.75 10.92
N GLN A 101 6.97 3.27 11.28
CA GLN A 101 7.11 4.40 12.19
C GLN A 101 6.43 5.63 11.59
N LEU A 102 6.79 5.94 10.34
CA LEU A 102 6.29 7.09 9.60
C LEU A 102 4.78 7.04 9.43
N ALA A 103 4.26 5.86 9.03
CA ALA A 103 2.82 5.68 8.85
C ALA A 103 2.06 5.84 10.17
N HIS A 104 2.58 5.27 11.27
CA HIS A 104 1.92 5.39 12.57
C HIS A 104 1.97 6.81 13.11
N MET A 105 3.08 7.51 12.86
CA MET A 105 3.22 8.91 13.24
C MET A 105 2.26 9.78 12.40
N ASN A 106 2.23 9.57 11.07
CA ASN A 106 1.33 10.33 10.19
C ASN A 106 -0.13 10.13 10.58
N ARG A 107 -0.48 8.93 11.04
CA ARG A 107 -1.83 8.59 11.49
C ARG A 107 -2.15 9.32 12.81
N HIS A 108 -1.16 9.42 13.73
CA HIS A 108 -1.32 10.16 14.96
C HIS A 108 -1.60 11.65 14.66
N LEU A 109 -0.86 12.23 13.69
CA LEU A 109 -0.98 13.63 13.30
C LEU A 109 -2.27 13.93 12.53
N MET A 110 -2.70 13.02 11.64
CA MET A 110 -3.89 13.19 10.80
C MET A 110 -4.56 11.78 10.64
N PRO A 111 -5.45 11.36 11.61
CA PRO A 111 -6.06 10.02 11.54
C PRO A 111 -6.87 9.67 10.29
N GLU A 112 -7.42 10.68 9.60
CA GLU A 112 -8.22 10.48 8.39
C GLU A 112 -7.34 10.33 7.14
N LEU A 113 -6.03 10.52 7.31
CA LEU A 113 -5.09 10.42 6.19
C LEU A 113 -4.60 8.96 6.15
N GLU A 114 -4.88 8.26 5.05
CA GLU A 114 -4.47 6.86 4.94
C GLU A 114 -3.16 6.71 4.20
N SER A 115 -2.21 6.01 4.81
CA SER A 115 -0.95 5.67 4.14
C SER A 115 -1.19 4.44 3.27
N VAL A 116 -0.84 4.54 1.98
N VAL A 116 -0.87 4.54 1.99
CA VAL A 116 -1.04 3.52 0.94
CA VAL A 116 -1.00 3.40 1.10
C VAL A 116 0.31 3.12 0.35
C VAL A 116 0.36 3.10 0.53
N PHE A 117 0.65 1.81 0.39
CA PHE A 117 1.91 1.34 -0.13
C PHE A 117 1.71 0.70 -1.45
N LEU A 118 2.48 1.18 -2.43
CA LEU A 118 2.49 0.69 -3.78
C LEU A 118 3.81 0.02 -4.01
N MET A 119 3.80 -0.98 -4.91
N MET A 119 3.79 -0.95 -4.91
CA MET A 119 5.01 -1.70 -5.24
CA MET A 119 4.97 -1.74 -5.22
C MET A 119 5.46 -1.36 -6.63
C MET A 119 5.46 -1.38 -6.63
N PRO A 120 6.74 -1.02 -6.80
CA PRO A 120 7.21 -0.71 -8.14
C PRO A 120 7.44 -2.00 -8.91
N SER A 121 7.69 -1.85 -10.20
CA SER A 121 8.07 -2.91 -11.10
C SER A 121 9.32 -3.56 -10.51
N LYS A 122 9.53 -4.86 -10.80
CA LYS A 122 10.74 -5.60 -10.38
C LYS A 122 12.00 -4.84 -10.87
N GLU A 123 11.91 -4.20 -12.06
N GLU A 123 11.91 -4.20 -12.06
CA GLU A 123 12.98 -3.42 -12.71
CA GLU A 123 12.96 -3.42 -12.73
C GLU A 123 13.57 -2.33 -11.80
C GLU A 123 13.55 -2.32 -11.81
N TRP A 124 12.70 -1.66 -11.02
CA TRP A 124 13.10 -0.56 -10.11
C TRP A 124 13.08 -0.93 -8.62
N SER A 125 12.93 -2.23 -8.31
CA SER A 125 12.81 -2.69 -6.93
C SER A 125 14.10 -2.69 -6.10
N PHE A 126 15.24 -2.46 -6.73
CA PHE A 126 16.53 -2.51 -6.03
C PHE A 126 17.36 -1.22 -6.14
N ILE A 127 16.73 -0.11 -6.58
CA ILE A 127 17.42 1.18 -6.71
C ILE A 127 16.88 2.24 -5.78
N SER A 128 17.61 3.36 -5.63
CA SER A 128 17.19 4.53 -4.87
C SER A 128 17.90 5.73 -5.47
N SER A 129 17.42 6.97 -5.22
CA SER A 129 18.11 8.18 -5.73
C SER A 129 19.55 8.21 -5.18
N SER A 130 19.76 7.79 -3.91
CA SER A 130 21.07 7.84 -3.27
C SER A 130 22.07 6.88 -3.90
N LEU A 131 21.61 5.67 -4.25
CA LEU A 131 22.49 4.70 -4.94
C LEU A 131 22.82 5.19 -6.35
N VAL A 132 21.83 5.69 -7.10
CA VAL A 132 22.02 6.25 -8.46
C VAL A 132 23.06 7.39 -8.42
N LYS A 133 22.92 8.34 -7.48
CA LYS A 133 23.85 9.46 -7.33
C LYS A 133 25.25 9.00 -6.98
N GLU A 134 25.39 8.08 -6.02
CA GLU A 134 26.69 7.55 -5.60
C GLU A 134 27.42 6.89 -6.79
N VAL A 135 26.69 6.11 -7.62
CA VAL A 135 27.23 5.47 -8.84
C VAL A 135 27.64 6.56 -9.84
N ALA A 136 26.75 7.56 -10.07
CA ALA A 136 27.00 8.66 -11.00
C ALA A 136 28.26 9.51 -10.58
N ARG A 137 28.37 9.85 -9.27
CA ARG A 137 29.52 10.58 -8.71
C ARG A 137 30.83 9.81 -8.96
N HIS A 138 30.75 8.47 -8.97
CA HIS A 138 31.88 7.60 -9.24
C HIS A 138 31.97 7.15 -10.71
N GLN A 139 31.35 7.92 -11.65
CA GLN A 139 31.45 7.74 -13.12
C GLN A 139 30.81 6.44 -13.65
N GLY A 140 29.76 5.98 -12.96
CA GLY A 140 29.06 4.78 -13.39
C GLY A 140 27.87 5.13 -14.26
N ASP A 141 27.49 4.18 -15.14
CA ASP A 141 26.36 4.38 -16.03
C ASP A 141 25.02 4.16 -15.32
N VAL A 142 24.24 5.24 -15.20
CA VAL A 142 22.91 5.22 -14.56
C VAL A 142 21.78 5.66 -15.54
N THR A 143 22.04 5.73 -16.87
CA THR A 143 21.06 6.14 -17.90
C THR A 143 19.75 5.35 -17.77
N HIS A 144 19.87 4.03 -17.58
CA HIS A 144 18.75 3.09 -17.46
C HIS A 144 17.75 3.43 -16.32
N PHE A 145 18.22 4.10 -15.27
CA PHE A 145 17.40 4.37 -14.09
C PHE A 145 16.69 5.71 -14.08
N LEU A 146 16.94 6.55 -15.07
CA LEU A 146 16.42 7.91 -15.08
C LEU A 146 15.66 8.31 -16.32
N PRO A 147 14.66 9.24 -16.19
CA PRO A 147 14.04 9.83 -17.39
C PRO A 147 15.14 10.59 -18.14
N GLU A 148 15.00 10.74 -19.46
CA GLU A 148 15.97 11.42 -20.32
C GLU A 148 16.40 12.82 -19.80
N ASN A 149 15.41 13.67 -19.45
CA ASN A 149 15.66 15.03 -18.96
C ASN A 149 16.50 15.02 -17.66
N VAL A 150 16.28 14.02 -16.81
CA VAL A 150 17.00 13.88 -15.55
C VAL A 150 18.44 13.43 -15.82
N HIS A 151 18.62 12.52 -16.79
CA HIS A 151 19.94 12.04 -17.20
C HIS A 151 20.81 13.23 -17.71
N GLN A 152 20.24 14.07 -18.59
CA GLN A 152 20.90 15.29 -19.13
C GLN A 152 21.28 16.28 -18.00
N ALA A 153 20.38 16.48 -17.01
CA ALA A 153 20.61 17.40 -15.88
C ALA A 153 21.67 16.87 -14.91
N LEU A 154 21.68 15.54 -14.69
CA LEU A 154 22.65 14.90 -13.79
C LEU A 154 24.05 14.95 -14.42
N MET A 155 24.15 14.77 -15.76
CA MET A 155 25.42 14.86 -16.51
C MET A 155 25.98 16.30 -16.37
N ALA A 156 25.13 17.32 -16.58
CA ALA A 156 25.50 18.73 -16.47
C ALA A 156 25.93 19.07 -15.01
N LYS A 157 25.22 18.55 -14.00
CA LYS A 157 25.56 18.79 -12.59
C LYS A 157 26.97 18.24 -12.26
N LEU A 158 27.24 16.99 -12.63
CA LEU A 158 28.53 16.36 -12.35
C LEU A 158 29.69 16.87 -13.20
N ALA A 159 29.40 17.50 -14.35
CA ALA A 159 30.43 18.08 -15.22
C ALA A 159 31.15 19.25 -14.53
N VAL A 160 30.39 20.07 -13.74
CA VAL A 160 30.87 21.27 -13.05
C VAL A 160 31.16 21.07 -11.52
N ASP A 161 30.90 19.88 -10.98
CA ASP A 161 31.15 19.57 -9.56
C ASP A 161 32.63 19.28 -9.30
N LYS B 3 -14.49 3.13 -8.47
CA LYS B 3 -13.37 2.24 -8.16
C LYS B 3 -13.82 1.07 -7.30
N ARG B 4 -13.47 -0.15 -7.73
CA ARG B 4 -13.81 -1.38 -7.02
C ARG B 4 -12.53 -2.04 -6.52
N ALA B 5 -12.51 -2.36 -5.23
CA ALA B 5 -11.36 -2.99 -4.61
C ALA B 5 -11.77 -4.31 -4.04
N ILE B 6 -10.86 -5.28 -4.13
CA ILE B 6 -11.06 -6.58 -3.58
C ILE B 6 -10.08 -6.76 -2.41
N TYR B 7 -10.54 -7.38 -1.33
CA TYR B 7 -9.76 -7.64 -0.13
C TYR B 7 -9.80 -9.18 0.09
N PRO B 8 -8.88 -9.95 -0.57
CA PRO B 8 -8.94 -11.41 -0.46
C PRO B 8 -8.20 -11.96 0.75
N GLY B 9 -8.54 -13.17 1.17
CA GLY B 9 -7.92 -13.82 2.31
C GLY B 9 -8.65 -15.07 2.69
N THR B 10 -8.13 -15.81 3.68
CA THR B 10 -8.77 -17.04 4.18
C THR B 10 -9.81 -16.68 5.22
N PHE B 11 -9.55 -15.59 6.01
CA PHE B 11 -10.46 -15.06 7.03
C PHE B 11 -11.04 -16.20 7.85
N ASP B 12 -10.14 -17.00 8.46
CA ASP B 12 -10.46 -18.21 9.22
C ASP B 12 -10.11 -18.15 10.75
N PRO B 13 -10.90 -17.44 11.58
CA PRO B 13 -12.05 -16.59 11.26
C PRO B 13 -11.61 -15.13 11.02
N ILE B 14 -12.55 -14.28 10.61
CA ILE B 14 -12.30 -12.86 10.43
C ILE B 14 -12.03 -12.25 11.84
N THR B 15 -11.00 -11.40 11.96
CA THR B 15 -10.63 -10.77 13.25
C THR B 15 -10.87 -9.26 13.22
N ASN B 16 -10.64 -8.57 14.35
CA ASN B 16 -10.74 -7.10 14.41
C ASN B 16 -9.67 -6.44 13.52
N GLY B 17 -8.54 -7.10 13.31
CA GLY B 17 -7.49 -6.62 12.41
C GLY B 17 -7.97 -6.57 10.97
N HIS B 18 -8.71 -7.61 10.53
CA HIS B 18 -9.35 -7.68 9.20
C HIS B 18 -10.46 -6.62 9.08
N ILE B 19 -11.25 -6.40 10.16
CA ILE B 19 -12.30 -5.39 10.19
C ILE B 19 -11.65 -4.00 10.06
N ASP B 20 -10.54 -3.76 10.78
CA ASP B 20 -9.81 -2.52 10.70
C ASP B 20 -9.39 -2.25 9.25
N ILE B 21 -8.76 -3.23 8.57
CA ILE B 21 -8.32 -3.10 7.17
C ILE B 21 -9.47 -2.79 6.21
N VAL B 22 -10.54 -3.60 6.23
CA VAL B 22 -11.69 -3.44 5.34
C VAL B 22 -12.40 -2.07 5.58
N THR B 23 -12.40 -1.56 6.82
CA THR B 23 -13.01 -0.26 7.15
C THR B 23 -12.19 0.87 6.49
N ARG B 24 -10.84 0.78 6.54
CA ARG B 24 -9.94 1.76 5.93
C ARG B 24 -10.15 1.73 4.42
N ALA B 25 -10.30 0.53 3.83
CA ALA B 25 -10.54 0.35 2.40
C ALA B 25 -11.85 1.03 1.95
N THR B 26 -12.94 0.93 2.74
CA THR B 26 -14.25 1.55 2.40
C THR B 26 -14.21 3.08 2.41
N GLN B 27 -13.27 3.67 3.17
CA GLN B 27 -13.10 5.11 3.27
C GLN B 27 -12.33 5.65 2.05
N MET B 28 -11.68 4.76 1.28
CA MET B 28 -10.87 5.07 0.12
C MET B 28 -11.48 4.73 -1.23
N PHE B 29 -12.22 3.63 -1.30
CA PHE B 29 -12.80 3.12 -2.54
C PHE B 29 -14.30 3.04 -2.42
N ASP B 30 -14.97 3.22 -3.55
CA ASP B 30 -16.43 3.22 -3.64
C ASP B 30 -17.10 1.89 -3.27
N HIS B 31 -16.50 0.76 -3.70
CA HIS B 31 -17.03 -0.57 -3.43
C HIS B 31 -15.90 -1.48 -3.08
N VAL B 32 -16.06 -2.22 -1.98
CA VAL B 32 -15.08 -3.15 -1.49
C VAL B 32 -15.69 -4.54 -1.45
N ILE B 33 -15.01 -5.50 -2.07
CA ILE B 33 -15.41 -6.89 -2.03
C ILE B 33 -14.50 -7.62 -1.05
N LEU B 34 -15.05 -8.10 0.06
CA LEU B 34 -14.26 -8.89 1.00
C LEU B 34 -14.38 -10.32 0.45
N ALA B 35 -13.28 -10.83 -0.11
CA ALA B 35 -13.27 -12.12 -0.83
C ALA B 35 -12.66 -13.20 0.03
N ILE B 36 -13.46 -14.23 0.34
CA ILE B 36 -13.01 -15.31 1.18
C ILE B 36 -12.63 -16.51 0.36
N ALA B 37 -11.33 -16.86 0.41
CA ALA B 37 -10.77 -17.97 -0.31
C ALA B 37 -11.09 -19.26 0.38
N ALA B 38 -11.54 -20.28 -0.38
CA ALA B 38 -11.86 -21.60 0.17
C ALA B 38 -10.66 -22.14 0.97
N SER B 39 -9.43 -21.99 0.44
CA SER B 39 -8.15 -22.38 1.03
C SER B 39 -8.11 -23.81 1.59
N PRO B 40 -8.51 -24.88 0.85
CA PRO B 40 -8.48 -26.24 1.45
C PRO B 40 -7.10 -26.75 1.90
N SER B 41 -5.99 -26.28 1.27
CA SER B 41 -4.63 -26.69 1.62
C SER B 41 -4.24 -26.26 3.05
N LYS B 42 -4.81 -25.16 3.55
CA LYS B 42 -4.58 -24.66 4.90
C LYS B 42 -5.41 -25.42 5.93
N LYS B 43 -6.34 -26.31 5.47
CA LYS B 43 -7.33 -27.07 6.26
C LYS B 43 -8.03 -26.11 7.30
N PRO B 44 -8.88 -25.17 6.80
CA PRO B 44 -9.51 -24.19 7.70
C PRO B 44 -10.39 -24.78 8.79
N MET B 45 -10.50 -24.06 9.91
CA MET B 45 -11.31 -24.44 11.06
C MET B 45 -12.80 -24.31 10.72
N PHE B 46 -13.14 -23.23 10.00
CA PHE B 46 -14.52 -22.95 9.60
C PHE B 46 -14.68 -23.21 8.12
N THR B 47 -15.85 -23.75 7.74
CA THR B 47 -16.17 -23.97 6.32
C THR B 47 -16.26 -22.60 5.64
N LEU B 48 -16.21 -22.59 4.30
CA LEU B 48 -16.34 -21.37 3.53
C LEU B 48 -17.67 -20.66 3.81
N GLU B 49 -18.78 -21.42 3.93
CA GLU B 49 -20.12 -20.88 4.24
C GLU B 49 -20.17 -20.21 5.60
N GLU B 50 -19.55 -20.83 6.61
CA GLU B 50 -19.44 -20.26 7.97
C GLU B 50 -18.62 -18.97 7.92
N ARG B 51 -17.47 -18.99 7.23
CA ARG B 51 -16.58 -17.83 7.09
C ARG B 51 -17.26 -16.66 6.38
N VAL B 52 -18.06 -16.95 5.32
CA VAL B 52 -18.85 -15.96 4.57
C VAL B 52 -19.93 -15.36 5.49
N ALA B 53 -20.74 -16.22 6.15
CA ALA B 53 -21.80 -15.79 7.08
C ALA B 53 -21.24 -14.89 8.19
N LEU B 54 -20.12 -15.30 8.81
CA LEU B 54 -19.47 -14.50 9.89
C LEU B 54 -18.98 -13.14 9.43
N ALA B 55 -18.31 -13.08 8.26
CA ALA B 55 -17.80 -11.83 7.71
C ALA B 55 -18.94 -10.92 7.28
N GLN B 56 -20.06 -11.48 6.79
CA GLN B 56 -21.25 -10.71 6.39
C GLN B 56 -21.84 -10.01 7.61
N GLN B 57 -22.05 -10.77 8.71
CA GLN B 57 -22.59 -10.21 9.96
C GLN B 57 -21.65 -9.15 10.54
N ALA B 58 -20.33 -9.42 10.54
CA ALA B 58 -19.33 -8.48 11.09
C ALA B 58 -19.12 -7.20 10.28
N THR B 59 -19.52 -7.19 8.99
CA THR B 59 -19.33 -6.00 8.13
C THR B 59 -20.65 -5.33 7.73
N ALA B 60 -21.79 -5.87 8.18
CA ALA B 60 -23.14 -5.35 7.90
C ALA B 60 -23.28 -3.82 8.10
N HIS B 61 -22.62 -3.25 9.13
CA HIS B 61 -22.61 -1.83 9.45
C HIS B 61 -21.87 -0.97 8.39
N LEU B 62 -21.10 -1.60 7.49
CA LEU B 62 -20.37 -0.95 6.40
C LEU B 62 -21.15 -1.17 5.12
N GLY B 63 -21.85 -0.12 4.70
CA GLY B 63 -22.74 -0.15 3.54
C GLY B 63 -22.15 -0.55 2.20
N ASN B 64 -20.85 -0.29 1.98
CA ASN B 64 -20.22 -0.56 0.68
C ASN B 64 -19.26 -1.77 0.70
N VAL B 65 -19.56 -2.76 1.54
CA VAL B 65 -18.83 -4.03 1.60
C VAL B 65 -19.74 -5.15 1.11
N GLU B 66 -19.22 -5.99 0.23
CA GLU B 66 -19.91 -7.17 -0.27
C GLU B 66 -18.99 -8.34 0.11
N VAL B 67 -19.53 -9.34 0.81
CA VAL B 67 -18.76 -10.53 1.18
C VAL B 67 -19.06 -11.65 0.17
N VAL B 68 -18.01 -12.22 -0.45
CA VAL B 68 -18.18 -13.28 -1.45
C VAL B 68 -17.10 -14.39 -1.25
N GLY B 69 -17.46 -15.64 -1.46
CA GLY B 69 -16.50 -16.73 -1.40
C GLY B 69 -15.93 -17.01 -2.77
N PHE B 70 -14.72 -17.62 -2.83
CA PHE B 70 -14.11 -17.99 -4.12
C PHE B 70 -13.11 -19.13 -3.94
N SER B 71 -12.95 -19.94 -4.99
CA SER B 71 -11.98 -21.04 -5.01
C SER B 71 -11.03 -20.85 -6.20
N ASP B 72 -11.28 -19.79 -6.97
CA ASP B 72 -10.57 -19.34 -8.18
C ASP B 72 -9.18 -18.80 -7.86
N LEU B 73 -8.37 -18.59 -8.89
CA LEU B 73 -7.09 -17.86 -8.79
C LEU B 73 -7.56 -16.41 -8.42
N MET B 74 -6.95 -15.75 -7.36
CA MET B 74 -7.42 -14.44 -6.89
C MET B 74 -7.39 -13.35 -7.99
N ALA B 75 -6.43 -13.42 -8.94
CA ALA B 75 -6.36 -12.45 -10.04
C ALA B 75 -7.54 -12.65 -11.00
N ASN B 76 -7.95 -13.91 -11.26
CA ASN B 76 -9.11 -14.20 -12.11
C ASN B 76 -10.38 -13.72 -11.43
N PHE B 77 -10.48 -13.96 -10.11
CA PHE B 77 -11.61 -13.52 -9.31
C PHE B 77 -11.72 -11.99 -9.31
N ALA B 78 -10.58 -11.27 -9.18
CA ALA B 78 -10.53 -9.79 -9.23
C ALA B 78 -10.99 -9.27 -10.60
N ARG B 79 -10.56 -9.91 -11.69
CA ARG B 79 -11.00 -9.58 -13.06
C ARG B 79 -12.53 -9.74 -13.14
N ASN B 80 -13.06 -10.88 -12.68
CA ASN B 80 -14.50 -11.19 -12.74
C ASN B 80 -15.35 -10.28 -11.85
N GLN B 81 -14.75 -9.69 -10.82
CA GLN B 81 -15.44 -8.73 -9.95
C GLN B 81 -15.29 -7.30 -10.46
N HIS B 82 -14.58 -7.11 -11.60
CA HIS B 82 -14.28 -5.81 -12.22
C HIS B 82 -13.49 -4.92 -11.24
N ALA B 83 -12.59 -5.54 -10.47
CA ALA B 83 -11.79 -4.86 -9.47
C ALA B 83 -10.45 -4.50 -10.10
N THR B 84 -9.96 -3.29 -9.84
CA THR B 84 -8.65 -2.85 -10.33
C THR B 84 -7.71 -2.63 -9.16
N VAL B 85 -8.22 -2.85 -7.95
CA VAL B 85 -7.43 -2.68 -6.73
C VAL B 85 -7.52 -3.95 -5.90
N LEU B 86 -6.37 -4.46 -5.45
CA LEU B 86 -6.31 -5.60 -4.56
C LEU B 86 -5.69 -5.13 -3.26
N ILE B 87 -6.47 -5.19 -2.14
CA ILE B 87 -6.07 -4.75 -0.80
C ILE B 87 -5.40 -5.90 -0.05
N ARG B 88 -4.27 -5.62 0.60
CA ARG B 88 -3.57 -6.54 1.49
C ARG B 88 -3.19 -5.75 2.73
N GLY B 89 -3.41 -6.33 3.90
CA GLY B 89 -3.03 -5.69 5.15
C GLY B 89 -1.58 -6.01 5.47
N LEU B 90 -0.83 -5.06 6.01
CA LEU B 90 0.59 -5.22 6.37
C LEU B 90 0.84 -4.95 7.86
N ARG B 91 1.27 -5.97 8.63
CA ARG B 91 1.58 -5.82 10.06
C ARG B 91 3.09 -5.68 10.34
N ALA B 92 3.92 -6.57 9.74
CA ALA B 92 5.37 -6.62 9.98
C ALA B 92 6.19 -7.06 8.75
N VAL B 93 7.55 -6.98 8.85
CA VAL B 93 8.54 -7.27 7.80
C VAL B 93 8.45 -8.71 7.23
N ALA B 94 8.33 -9.73 8.10
CA ALA B 94 8.25 -11.15 7.72
C ALA B 94 7.15 -11.44 6.68
N ASP B 95 5.97 -10.84 6.86
CA ASP B 95 4.86 -11.03 5.93
C ASP B 95 5.09 -10.27 4.62
N PHE B 96 5.71 -9.06 4.70
CA PHE B 96 6.04 -8.17 3.59
C PHE B 96 6.76 -8.89 2.42
N GLU B 97 7.57 -9.94 2.71
CA GLU B 97 8.30 -10.73 1.71
C GLU B 97 7.37 -11.61 0.87
N TYR B 98 6.55 -12.47 1.53
CA TYR B 98 5.55 -13.28 0.84
C TYR B 98 4.56 -12.36 0.09
N GLU B 99 4.24 -11.20 0.68
CA GLU B 99 3.36 -10.19 0.09
C GLU B 99 3.93 -9.66 -1.23
N MET B 100 5.26 -9.47 -1.31
CA MET B 100 5.94 -9.03 -2.53
C MET B 100 5.86 -10.11 -3.61
N GLN B 101 6.01 -11.39 -3.25
CA GLN B 101 5.93 -12.51 -4.20
C GLN B 101 4.54 -12.57 -4.81
N LEU B 102 3.53 -12.56 -3.94
CA LEU B 102 2.13 -12.63 -4.30
C LEU B 102 1.72 -11.47 -5.18
N ALA B 103 2.11 -10.24 -4.79
CA ALA B 103 1.79 -9.04 -5.56
C ALA B 103 2.48 -9.06 -6.95
N HIS B 104 3.75 -9.51 -7.03
CA HIS B 104 4.43 -9.58 -8.33
C HIS B 104 3.84 -10.67 -9.23
N MET B 105 3.39 -11.78 -8.63
CA MET B 105 2.74 -12.85 -9.38
C MET B 105 1.37 -12.35 -9.87
N ASN B 106 0.57 -11.71 -8.98
CA ASN B 106 -0.73 -11.17 -9.36
C ASN B 106 -0.62 -10.13 -10.47
N ARG B 107 0.48 -9.35 -10.49
CA ARG B 107 0.74 -8.35 -11.51
C ARG B 107 1.07 -9.04 -12.83
N HIS B 108 1.82 -10.15 -12.79
CA HIS B 108 2.15 -10.92 -13.99
C HIS B 108 0.86 -11.48 -14.61
N LEU B 109 -0.05 -11.99 -13.78
CA LEU B 109 -1.33 -12.57 -14.23
C LEU B 109 -2.34 -11.50 -14.69
N MET B 110 -2.37 -10.33 -13.99
CA MET B 110 -3.27 -9.21 -14.28
C MET B 110 -2.52 -7.88 -14.07
N PRO B 111 -1.84 -7.34 -15.09
CA PRO B 111 -1.05 -6.09 -14.88
C PRO B 111 -1.84 -4.84 -14.49
N GLU B 112 -3.12 -4.76 -14.84
CA GLU B 112 -3.98 -3.61 -14.54
C GLU B 112 -4.55 -3.69 -13.12
N LEU B 113 -4.32 -4.81 -12.41
CA LEU B 113 -4.79 -4.94 -11.04
C LEU B 113 -3.68 -4.46 -10.11
N GLU B 114 -3.95 -3.40 -9.35
CA GLU B 114 -2.94 -2.82 -8.46
C GLU B 114 -3.03 -3.35 -7.06
N SER B 115 -1.93 -3.87 -6.53
CA SER B 115 -1.91 -4.32 -5.14
C SER B 115 -1.60 -3.10 -4.26
N VAL B 116 -2.45 -2.87 -3.25
N VAL B 116 -2.44 -2.86 -3.26
CA VAL B 116 -2.43 -1.74 -2.30
CA VAL B 116 -2.23 -1.78 -2.32
C VAL B 116 -2.27 -2.29 -0.86
C VAL B 116 -2.11 -2.39 -0.93
N PHE B 117 -1.22 -1.84 -0.14
CA PHE B 117 -0.98 -2.30 1.22
C PHE B 117 -1.41 -1.25 2.19
N LEU B 118 -2.23 -1.67 3.14
CA LEU B 118 -2.75 -0.84 4.21
C LEU B 118 -2.13 -1.31 5.52
N MET B 119 -1.93 -0.40 6.47
CA MET B 119 -1.37 -0.73 7.77
C MET B 119 -2.48 -0.73 8.86
N PRO B 120 -2.67 -1.82 9.66
CA PRO B 120 -3.73 -1.79 10.68
C PRO B 120 -3.33 -0.91 11.85
N SER B 121 -4.28 -0.66 12.73
CA SER B 121 -4.11 0.05 13.98
C SER B 121 -3.01 -0.69 14.77
N LYS B 122 -2.29 0.02 15.63
CA LYS B 122 -1.29 -0.57 16.54
C LYS B 122 -1.96 -1.70 17.37
N GLU B 123 -3.27 -1.52 17.74
CA GLU B 123 -4.11 -2.43 18.52
C GLU B 123 -4.15 -3.86 17.95
N TRP B 124 -4.16 -3.97 16.59
CA TRP B 124 -4.22 -5.24 15.87
C TRP B 124 -2.94 -5.63 15.15
N SER B 125 -1.84 -4.92 15.39
CA SER B 125 -0.58 -5.14 14.70
C SER B 125 0.19 -6.40 15.13
N PHE B 126 -0.26 -7.08 16.22
CA PHE B 126 0.42 -8.27 16.73
C PHE B 126 -0.48 -9.51 16.83
N ILE B 127 -1.58 -9.49 16.12
CA ILE B 127 -2.47 -10.66 16.13
C ILE B 127 -2.64 -11.27 14.75
N SER B 128 -3.13 -12.49 14.70
CA SER B 128 -3.45 -13.19 13.46
C SER B 128 -4.57 -14.16 13.79
N SER B 129 -5.27 -14.66 12.76
CA SER B 129 -6.32 -15.65 12.97
C SER B 129 -5.74 -16.90 13.65
N SER B 130 -4.53 -17.32 13.21
N SER B 130 -4.52 -17.32 13.22
CA SER B 130 -3.81 -18.48 13.74
CA SER B 130 -3.80 -18.49 13.74
C SER B 130 -3.53 -18.36 15.23
C SER B 130 -3.53 -18.36 15.24
N LEU B 131 -3.03 -17.20 15.69
CA LEU B 131 -2.72 -16.96 17.11
C LEU B 131 -4.00 -16.95 17.96
N VAL B 132 -5.05 -16.27 17.46
CA VAL B 132 -6.36 -16.22 18.13
C VAL B 132 -6.93 -17.65 18.34
N LYS B 133 -6.91 -18.48 17.27
CA LYS B 133 -7.37 -19.86 17.31
C LYS B 133 -6.54 -20.69 18.32
N GLU B 134 -5.21 -20.52 18.31
CA GLU B 134 -4.30 -21.25 19.21
C GLU B 134 -4.62 -20.95 20.70
N VAL B 135 -4.88 -19.68 21.00
CA VAL B 135 -5.23 -19.20 22.33
C VAL B 135 -6.62 -19.75 22.72
N ALA B 136 -7.60 -19.65 21.80
CA ALA B 136 -8.94 -20.16 22.03
C ALA B 136 -8.96 -21.68 22.25
N ARG B 137 -8.04 -22.44 21.59
CA ARG B 137 -7.94 -23.90 21.75
C ARG B 137 -7.49 -24.27 23.16
N HIS B 138 -6.75 -23.36 23.83
CA HIS B 138 -6.25 -23.56 25.18
C HIS B 138 -7.10 -22.80 26.17
N GLN B 139 -8.33 -22.48 25.76
CA GLN B 139 -9.34 -21.81 26.59
C GLN B 139 -8.88 -20.42 27.09
N GLY B 140 -8.12 -19.70 26.25
CA GLY B 140 -7.71 -18.34 26.56
C GLY B 140 -8.75 -17.35 26.08
N ASP B 141 -8.85 -16.20 26.75
CA ASP B 141 -9.83 -15.18 26.38
C ASP B 141 -9.39 -14.37 25.16
N VAL B 142 -10.15 -14.47 24.07
CA VAL B 142 -9.89 -13.77 22.81
C VAL B 142 -11.03 -12.81 22.40
N THR B 143 -11.97 -12.48 23.33
CA THR B 143 -13.12 -11.61 23.05
C THR B 143 -12.68 -10.25 22.45
N HIS B 144 -11.62 -9.66 22.99
CA HIS B 144 -11.03 -8.40 22.58
C HIS B 144 -10.60 -8.36 21.08
N PHE B 145 -10.25 -9.52 20.51
CA PHE B 145 -9.71 -9.58 19.15
C PHE B 145 -10.71 -9.88 18.05
N LEU B 146 -11.92 -10.21 18.42
CA LEU B 146 -12.92 -10.64 17.45
C LEU B 146 -14.23 -9.90 17.50
N PRO B 147 -14.95 -9.80 16.36
CA PRO B 147 -16.34 -9.31 16.45
C PRO B 147 -17.14 -10.30 17.31
N GLU B 148 -18.20 -9.84 18.01
CA GLU B 148 -19.00 -10.66 18.93
C GLU B 148 -19.47 -11.96 18.29
N ASN B 149 -20.08 -11.90 17.06
CA ASN B 149 -20.62 -13.05 16.35
C ASN B 149 -19.53 -14.10 16.06
N VAL B 150 -18.30 -13.64 15.76
CA VAL B 150 -17.15 -14.52 15.50
C VAL B 150 -16.71 -15.20 16.79
N HIS B 151 -16.69 -14.44 17.89
CA HIS B 151 -16.32 -14.98 19.21
C HIS B 151 -17.27 -16.11 19.61
N GLN B 152 -18.58 -15.88 19.48
CA GLN B 152 -19.53 -16.93 19.83
C GLN B 152 -19.38 -18.16 18.93
N ALA B 153 -19.18 -17.97 17.60
CA ALA B 153 -18.98 -19.08 16.66
C ALA B 153 -17.72 -19.89 16.95
N LEU B 154 -16.64 -19.20 17.35
CA LEU B 154 -15.37 -19.86 17.70
C LEU B 154 -15.54 -20.67 19.00
N MET B 155 -16.29 -20.12 19.98
CA MET B 155 -16.59 -20.81 21.24
C MET B 155 -17.39 -22.09 20.94
N ALA B 156 -18.44 -21.96 20.09
CA ALA B 156 -19.32 -23.08 19.70
C ALA B 156 -18.53 -24.15 18.95
N LYS B 157 -17.62 -23.73 18.04
CA LYS B 157 -16.78 -24.64 17.25
C LYS B 157 -15.85 -25.48 18.13
N LEU B 158 -15.21 -24.86 19.16
CA LEU B 158 -14.31 -25.55 20.09
C LEU B 158 -15.00 -26.32 21.20
N ALA B 159 -16.30 -26.04 21.46
CA ALA B 159 -17.09 -26.72 22.49
C ALA B 159 -17.30 -28.19 22.17
#